data_4WQ0
#
_entry.id   4WQ0
#
_cell.length_a   127.812
_cell.length_b   127.812
_cell.length_c   76.584
_cell.angle_alpha   90.000
_cell.angle_beta   90.000
_cell.angle_gamma   90.000
#
_symmetry.space_group_name_H-M   'P 43 21 2'
#
loop_
_entity.id
_entity.type
_entity.pdbx_description
1 polymer 'Cytochrome P450'
2 non-polymer 'PROTOPORPHYRIN IX CONTAINING FE'
3 non-polymer 'Oligomycin A'
4 water water
#
_entity_poly.entity_id   1
_entity_poly.type   'polypeptide(L)'
_entity_poly.pdbx_seq_one_letter_code
;PIAFPFPDPPSVCELPPELAEIRDGQSVVEVKFPDGISGWMVTKHADVRKVLVDSRFSSKVMATAAAAMSETETGKLMNE
SLVGMDAPEHTRLRKLVTKAFTARRVETLRPRITELVGQLLDELETLPRPVDLVKNFSVPLPVRVICELLGVPAGDQDTF
HAWSNALLGDWQQVVEKEAATVSLVNYFGELIAVKRENPADDLISELIAISDGDSTLTEREIIALSIGILSAGHETTANQ
ISMFLVTLLHNPEELDKLRDNREAIPKAVDELLRFVPLTTTGGIIPRLTTAEVELSGGQVLPAGAVVLPAVATANRDPEV
FEDGERLNVTRENNPHLAFGAGIHHCLGAQLARIELQEALGAILDRMPQVRLAVPESELRLKSASIIRGLESLPITW
;
_entity_poly.pdbx_strand_id   A
#
# COMPACT_ATOMS: atom_id res chain seq x y z
N PRO A 1 -4.47 -15.39 25.83
CA PRO A 1 -5.11 -14.66 24.71
C PRO A 1 -4.85 -13.15 24.79
N ILE A 2 -4.23 -12.58 23.75
CA ILE A 2 -3.85 -11.16 23.78
C ILE A 2 -4.84 -10.26 23.05
N ALA A 3 -5.02 -9.06 23.61
CA ALA A 3 -5.91 -8.06 23.07
C ALA A 3 -5.30 -7.42 21.82
N PHE A 4 -6.00 -7.61 20.70
CA PHE A 4 -5.64 -6.97 19.46
C PHE A 4 -6.87 -6.39 18.81
N PRO A 5 -6.77 -5.19 18.23
CA PRO A 5 -5.62 -4.27 18.10
C PRO A 5 -4.89 -3.94 19.40
N PHE A 6 -3.61 -3.60 19.29
CA PHE A 6 -2.86 -3.12 20.45
C PHE A 6 -3.22 -1.67 20.77
N PRO A 7 -2.76 -1.17 21.93
CA PRO A 7 -2.64 0.27 22.18
C PRO A 7 -1.85 0.99 21.08
N ASP A 8 -2.22 2.23 20.81
CA ASP A 8 -1.52 3.08 19.85
C ASP A 8 -0.57 4.01 20.62
N PRO A 9 0.76 3.80 20.52
CA PRO A 9 1.69 4.57 21.36
C PRO A 9 1.65 6.07 21.12
N PRO A 10 2.16 6.86 22.10
CA PRO A 10 2.14 8.32 21.99
C PRO A 10 2.69 8.85 20.67
N SER A 11 3.94 8.51 20.32
CA SER A 11 4.58 9.02 19.09
C SER A 11 4.04 8.28 17.87
N VAL A 12 4.01 9.00 16.74
CA VAL A 12 3.71 8.39 15.44
C VAL A 12 4.95 7.66 14.91
N CYS A 13 6.11 7.99 15.47
CA CYS A 13 7.39 7.43 15.08
C CYS A 13 7.75 6.11 15.80
N GLU A 14 7.05 5.79 16.89
CA GLU A 14 7.28 4.53 17.59
C GLU A 14 6.23 3.50 17.19
N LEU A 15 6.49 2.22 17.46
CA LEU A 15 5.47 1.17 17.31
C LEU A 15 5.12 0.57 18.66
N PRO A 16 4.00 -0.19 18.72
CA PRO A 16 3.74 -0.98 19.92
C PRO A 16 4.98 -1.79 20.25
N PRO A 17 5.55 -1.60 21.47
CA PRO A 17 6.72 -2.42 21.83
C PRO A 17 6.30 -3.87 22.06
N GLU A 18 5.01 -4.06 22.36
CA GLU A 18 4.37 -5.37 22.42
C GLU A 18 4.77 -6.29 21.26
N LEU A 19 4.99 -5.71 20.07
CA LEU A 19 5.40 -6.48 18.91
C LEU A 19 6.78 -7.13 19.07
N ALA A 20 7.78 -6.35 19.49
CA ALA A 20 9.16 -6.86 19.63
C ALA A 20 9.26 -7.80 20.83
N GLU A 21 8.54 -7.45 21.90
CA GLU A 21 8.41 -8.28 23.08
C GLU A 21 8.04 -9.69 22.68
N ILE A 22 7.01 -9.85 21.83
CA ILE A 22 6.55 -11.17 21.38
C ILE A 22 7.56 -11.84 20.45
N ARG A 23 7.98 -11.11 19.42
CA ARG A 23 8.87 -11.63 18.40
C ARG A 23 10.15 -12.22 19.00
N ASP A 24 10.66 -11.55 20.03
CA ASP A 24 11.87 -11.98 20.72
C ASP A 24 11.62 -12.94 21.91
N GLY A 25 10.36 -13.02 22.37
CA GLY A 25 9.93 -14.05 23.33
C GLY A 25 9.19 -15.22 22.70
N GLN A 26 7.89 -15.33 23.01
CA GLN A 26 7.09 -16.47 22.50
C GLN A 26 7.02 -16.54 20.99
N SER A 27 7.22 -15.41 20.32
CA SER A 27 7.28 -15.34 18.86
C SER A 27 5.90 -15.54 18.22
N VAL A 28 5.34 -16.74 18.36
CA VAL A 28 3.94 -16.99 18.00
C VAL A 28 3.07 -16.78 19.23
N VAL A 29 1.89 -16.22 19.04
CA VAL A 29 0.95 -15.95 20.11
C VAL A 29 -0.45 -16.13 19.55
N GLU A 30 -1.40 -16.48 20.40
CA GLU A 30 -2.81 -16.43 19.99
C GLU A 30 -3.44 -15.14 20.57
N VAL A 31 -4.46 -14.64 19.88
CA VAL A 31 -5.01 -13.34 20.19
C VAL A 31 -6.50 -13.37 20.09
N LYS A 32 -7.12 -12.40 20.74
CA LYS A 32 -8.54 -12.24 20.76
C LYS A 32 -8.85 -10.86 20.24
N PHE A 33 -9.81 -10.76 19.33
CA PHE A 33 -10.30 -9.47 18.88
C PHE A 33 -11.44 -9.06 19.81
N PRO A 34 -11.55 -7.75 20.14
CA PRO A 34 -12.86 -7.38 20.65
C PRO A 34 -13.76 -7.68 19.47
N ASP A 35 -14.89 -8.31 19.77
CA ASP A 35 -15.49 -9.28 18.86
C ASP A 35 -15.66 -10.54 19.71
N GLY A 36 -14.53 -11.00 20.26
CA GLY A 36 -14.46 -12.18 21.14
C GLY A 36 -13.61 -13.32 20.59
N ILE A 37 -13.59 -13.44 19.26
CA ILE A 37 -13.07 -14.64 18.58
C ILE A 37 -11.53 -14.71 18.65
N SER A 38 -10.99 -15.94 18.61
CA SER A 38 -9.57 -16.20 18.83
C SER A 38 -8.81 -16.31 17.53
N GLY A 39 -7.72 -15.58 17.45
CA GLY A 39 -6.87 -15.59 16.28
C GLY A 39 -5.46 -15.89 16.72
N TRP A 40 -4.53 -15.85 15.78
CA TRP A 40 -3.13 -16.12 16.03
C TRP A 40 -2.29 -15.14 15.25
N MET A 41 -1.21 -14.65 15.86
CA MET A 41 -0.26 -13.76 15.20
C MET A 41 1.14 -14.38 15.19
N VAL A 42 1.83 -14.34 14.04
CA VAL A 42 3.23 -14.79 13.92
C VAL A 42 4.12 -13.58 13.80
N THR A 43 5.33 -13.60 14.37
CA THR A 43 6.20 -12.40 14.32
C THR A 43 7.56 -12.54 13.60
N LYS A 44 8.04 -13.76 13.39
CA LYS A 44 9.36 -13.94 12.82
C LYS A 44 9.26 -13.76 11.35
N HIS A 45 10.30 -13.20 10.76
CA HIS A 45 10.39 -13.09 9.30
C HIS A 45 10.10 -14.46 8.70
N ALA A 46 10.84 -15.47 9.13
CA ALA A 46 10.60 -16.79 8.57
C ALA A 46 9.11 -17.12 8.59
N ASP A 47 8.46 -16.84 9.72
CA ASP A 47 7.12 -17.33 9.95
C ASP A 47 6.16 -16.53 9.11
N VAL A 48 6.28 -15.21 9.25
CA VAL A 48 5.50 -14.32 8.44
C VAL A 48 5.58 -14.75 7.00
N ARG A 49 6.80 -14.91 6.51
CA ARG A 49 6.98 -15.25 5.10
C ARG A 49 6.31 -16.57 4.80
N LYS A 50 6.34 -17.51 5.74
CA LYS A 50 5.74 -18.79 5.48
C LYS A 50 4.26 -18.60 5.30
N VAL A 51 3.67 -17.78 6.15
CA VAL A 51 2.23 -17.58 6.08
C VAL A 51 1.81 -17.14 4.67
N LEU A 52 2.59 -16.23 4.09
CA LEU A 52 2.24 -15.63 2.79
C LEU A 52 2.61 -16.56 1.65
N VAL A 53 3.72 -17.27 1.82
CA VAL A 53 4.22 -18.09 0.76
C VAL A 53 3.51 -19.44 0.74
N ASP A 54 3.27 -20.02 1.91
CA ASP A 54 2.64 -21.34 1.95
C ASP A 54 1.20 -21.31 1.46
N SER A 55 0.81 -22.38 0.76
CA SER A 55 -0.47 -22.49 0.07
C SER A 55 -1.58 -23.14 0.90
N ARG A 56 -1.31 -23.33 2.20
CA ARG A 56 -2.33 -23.81 3.14
C ARG A 56 -2.99 -22.65 3.90
N PHE A 57 -2.78 -21.43 3.41
CA PHE A 57 -3.45 -20.26 3.95
C PHE A 57 -4.35 -19.69 2.88
N SER A 58 -5.32 -18.89 3.28
CA SER A 58 -6.28 -18.36 2.35
C SER A 58 -6.62 -16.92 2.69
N SER A 59 -6.80 -16.13 1.63
CA SER A 59 -7.16 -14.73 1.77
C SER A 59 -8.67 -14.56 1.55
N LYS A 60 -9.46 -15.59 1.89
CA LYS A 60 -10.92 -15.55 1.69
C LYS A 60 -11.67 -15.27 3.00
N VAL A 61 -11.02 -14.53 3.89
CA VAL A 61 -11.53 -14.25 5.23
C VAL A 61 -12.71 -13.25 5.22
N MET A 62 -12.94 -12.55 4.11
CA MET A 62 -14.07 -11.63 3.99
C MET A 62 -15.22 -12.16 3.12
N ALA A 63 -15.17 -13.44 2.76
CA ALA A 63 -16.04 -13.97 1.70
C ALA A 63 -17.54 -13.86 1.99
N THR A 64 -17.92 -13.90 3.27
CA THR A 64 -19.34 -13.76 3.63
C THR A 64 -19.68 -12.28 3.81
N ALA A 65 -18.79 -11.49 4.43
CA ALA A 65 -18.98 -10.02 4.50
C ALA A 65 -19.27 -9.40 3.11
N ALA A 66 -18.64 -9.97 2.09
CA ALA A 66 -18.82 -9.53 0.71
C ALA A 66 -20.12 -10.08 0.11
N ALA A 67 -20.44 -11.34 0.38
CA ALA A 67 -21.75 -11.89 -0.04
C ALA A 67 -22.89 -11.17 0.68
N ALA A 68 -22.66 -10.87 1.96
CA ALA A 68 -23.64 -10.17 2.79
C ALA A 68 -23.91 -8.78 2.31
N MET A 69 -22.97 -8.14 1.61
CA MET A 69 -23.32 -6.93 0.89
C MET A 69 -24.43 -7.37 -0.07
N SER A 70 -24.18 -8.24 -1.05
CA SER A 70 -23.09 -8.13 -1.97
C SER A 70 -23.60 -6.90 -2.69
N GLU A 71 -24.40 -7.10 -3.74
CA GLU A 71 -25.40 -6.12 -4.24
C GLU A 71 -25.14 -4.61 -4.12
N THR A 72 -24.33 -4.15 -3.17
CA THR A 72 -23.57 -2.91 -3.35
C THR A 72 -22.43 -3.15 -4.34
N GLU A 73 -21.88 -2.09 -4.93
CA GLU A 73 -20.66 -2.23 -5.71
C GLU A 73 -19.54 -2.63 -4.75
N THR A 74 -19.37 -1.89 -3.65
CA THR A 74 -18.32 -2.22 -2.70
C THR A 74 -18.19 -3.73 -2.55
N GLY A 75 -19.31 -4.42 -2.39
CA GLY A 75 -19.28 -5.84 -2.07
C GLY A 75 -19.08 -6.74 -3.26
N LYS A 76 -19.72 -6.37 -4.36
CA LYS A 76 -19.46 -7.01 -5.63
C LYS A 76 -17.94 -7.00 -5.86
N LEU A 77 -17.31 -5.86 -5.61
CA LEU A 77 -15.87 -5.68 -5.81
C LEU A 77 -14.95 -6.37 -4.82
N MET A 78 -15.34 -6.55 -3.55
CA MET A 78 -14.48 -7.28 -2.60
C MET A 78 -14.38 -8.74 -3.04
N ASN A 79 -15.48 -9.24 -3.59
CA ASN A 79 -15.54 -10.59 -4.16
C ASN A 79 -14.73 -10.74 -5.47
N GLU A 80 -14.54 -9.65 -6.21
CA GLU A 80 -13.95 -9.69 -7.58
C GLU A 80 -12.43 -9.36 -7.64
N SER A 81 -11.87 -8.86 -6.54
CA SER A 81 -10.48 -8.47 -6.49
C SER A 81 -9.52 -9.66 -6.39
N LEU A 82 -8.29 -9.42 -6.87
CA LEU A 82 -7.14 -10.29 -6.65
C LEU A 82 -6.89 -10.50 -5.18
N VAL A 83 -6.69 -9.41 -4.47
CA VAL A 83 -6.22 -9.49 -3.09
C VAL A 83 -7.13 -10.40 -2.25
N GLY A 84 -8.35 -10.63 -2.73
CA GLY A 84 -9.32 -11.54 -2.08
C GLY A 84 -9.55 -12.91 -2.71
N MET A 85 -8.86 -13.21 -3.80
CA MET A 85 -8.96 -14.50 -4.47
C MET A 85 -7.89 -15.50 -4.01
N ASP A 86 -8.09 -16.74 -4.46
CA ASP A 86 -7.17 -17.85 -4.17
C ASP A 86 -6.96 -18.72 -5.43
N ALA A 87 -6.09 -19.72 -5.26
CA ALA A 87 -6.26 -21.02 -5.89
C ALA A 87 -6.13 -20.89 -7.39
N PRO A 88 -7.04 -21.50 -8.19
CA PRO A 88 -6.82 -21.22 -9.62
C PRO A 88 -7.31 -19.83 -10.06
N GLU A 89 -8.42 -19.39 -9.48
CA GLU A 89 -9.07 -18.15 -9.87
C GLU A 89 -8.09 -17.00 -9.88
N HIS A 90 -7.33 -16.88 -8.79
CA HIS A 90 -6.38 -15.78 -8.64
C HIS A 90 -5.27 -15.87 -9.66
N THR A 91 -4.83 -17.08 -9.89
CA THR A 91 -3.76 -17.32 -10.83
C THR A 91 -4.13 -16.84 -12.22
N ARG A 92 -5.35 -17.17 -12.66
CA ARG A 92 -5.81 -16.74 -13.97
C ARG A 92 -5.76 -15.21 -14.12
N LEU A 93 -6.29 -14.50 -13.12
CA LEU A 93 -6.35 -13.04 -13.15
C LEU A 93 -4.98 -12.37 -13.18
N ARG A 94 -4.17 -12.74 -12.18
CA ARG A 94 -2.85 -12.17 -12.02
C ARG A 94 -2.16 -12.36 -13.36
N LYS A 95 -2.22 -13.59 -13.85
CA LYS A 95 -1.72 -13.91 -15.20
C LYS A 95 -2.29 -13.01 -16.33
N LEU A 96 -3.60 -12.82 -16.36
CA LEU A 96 -4.19 -11.96 -17.37
C LEU A 96 -3.75 -10.53 -17.24
N VAL A 97 -3.82 -9.95 -16.04
CA VAL A 97 -3.41 -8.53 -15.86
C VAL A 97 -1.94 -8.22 -16.22
N THR A 98 -1.04 -9.17 -15.95
CA THR A 98 0.39 -8.96 -16.17
C THR A 98 0.75 -9.03 -17.62
N LYS A 99 -0.18 -9.48 -18.46
CA LYS A 99 0.01 -9.37 -19.90
C LYS A 99 0.11 -7.92 -20.30
N ALA A 100 -0.42 -7.02 -19.47
CA ALA A 100 -0.22 -5.60 -19.67
C ALA A 100 0.47 -4.88 -18.51
N PHE A 101 0.32 -5.39 -17.29
CA PHE A 101 0.99 -4.77 -16.18
C PHE A 101 2.33 -5.45 -16.11
N THR A 102 3.34 -4.86 -16.76
CA THR A 102 4.67 -5.46 -16.79
C THR A 102 5.72 -4.53 -16.24
N ALA A 103 6.88 -5.09 -15.94
CA ALA A 103 7.95 -4.32 -15.38
C ALA A 103 8.32 -3.25 -16.40
N ARG A 104 8.24 -3.62 -17.68
CA ARG A 104 8.61 -2.72 -18.76
C ARG A 104 7.73 -1.48 -18.80
N ARG A 105 6.43 -1.68 -18.83
CA ARG A 105 5.52 -0.56 -18.81
C ARG A 105 5.90 0.35 -17.68
N VAL A 106 6.03 -0.22 -16.48
CA VAL A 106 6.41 0.56 -15.30
C VAL A 106 7.78 1.28 -15.41
N GLU A 107 8.80 0.56 -15.86
CA GLU A 107 10.08 1.18 -16.07
C GLU A 107 9.89 2.40 -16.96
N THR A 108 9.21 2.19 -18.09
CA THR A 108 9.04 3.24 -19.11
C THR A 108 8.21 4.43 -18.65
N LEU A 109 7.50 4.22 -17.56
CA LEU A 109 6.65 5.22 -17.00
C LEU A 109 7.40 6.21 -16.08
N ARG A 110 8.63 5.89 -15.69
CA ARG A 110 9.40 6.75 -14.80
C ARG A 110 9.49 8.20 -15.27
N PRO A 111 9.78 8.41 -16.54
CA PRO A 111 9.88 9.79 -16.98
C PRO A 111 8.62 10.59 -16.73
N ARG A 112 7.43 10.05 -17.04
CA ARG A 112 6.17 10.79 -16.79
C ARG A 112 6.03 11.13 -15.32
N ILE A 113 6.27 10.11 -14.52
CA ILE A 113 6.18 10.22 -13.08
C ILE A 113 7.06 11.33 -12.54
N THR A 114 8.24 11.50 -13.12
CA THR A 114 9.08 12.63 -12.73
C THR A 114 8.40 13.96 -13.01
N GLU A 115 7.73 14.06 -14.16
CA GLU A 115 7.03 15.30 -14.49
C GLU A 115 5.81 15.48 -13.56
N LEU A 116 5.14 14.38 -13.23
CA LEU A 116 3.94 14.47 -12.41
C LEU A 116 4.28 15.05 -11.07
N VAL A 117 5.44 14.68 -10.57
CA VAL A 117 5.96 15.23 -9.34
C VAL A 117 6.38 16.69 -9.49
N GLY A 118 7.14 16.98 -10.56
CA GLY A 118 7.74 18.29 -10.72
C GLY A 118 6.64 19.32 -10.65
N GLN A 119 5.58 18.96 -11.34
CA GLN A 119 4.40 19.79 -11.51
C GLN A 119 3.71 20.08 -10.21
N LEU A 120 3.47 19.06 -9.40
CA LEU A 120 2.88 19.28 -8.08
C LEU A 120 3.80 20.12 -7.20
N LEU A 121 5.10 20.02 -7.38
CA LEU A 121 6.02 20.85 -6.63
C LEU A 121 5.99 22.25 -7.19
N ASP A 122 5.80 22.39 -8.49
CA ASP A 122 5.64 23.70 -9.07
C ASP A 122 4.42 24.43 -8.45
N GLU A 123 3.39 23.69 -8.00
CA GLU A 123 2.19 24.34 -7.36
C GLU A 123 2.40 24.58 -5.87
N LEU A 124 2.94 23.58 -5.19
CA LEU A 124 3.52 23.73 -3.87
C LEU A 124 4.36 24.99 -3.66
N GLU A 125 5.09 25.45 -4.68
CA GLU A 125 6.04 26.54 -4.46
C GLU A 125 5.38 27.91 -4.58
N THR A 126 4.12 27.92 -5.01
CA THR A 126 3.36 29.15 -5.07
C THR A 126 2.24 29.20 -4.05
N LEU A 127 2.18 28.20 -3.16
CA LEU A 127 1.22 28.20 -2.05
C LEU A 127 1.86 28.91 -0.90
N PRO A 128 1.05 29.39 0.03
CA PRO A 128 1.62 30.32 0.99
C PRO A 128 2.17 29.66 2.25
N ARG A 129 3.19 30.30 2.81
CA ARG A 129 3.73 30.02 4.18
C ARG A 129 3.70 28.54 4.47
N PRO A 130 3.67 28.11 5.76
CA PRO A 130 3.68 26.64 5.97
C PRO A 130 2.57 25.95 5.21
N VAL A 131 2.87 24.83 4.58
CA VAL A 131 1.93 24.21 3.68
C VAL A 131 1.81 22.74 3.98
N ASP A 132 0.58 22.23 3.92
CA ASP A 132 0.32 20.85 4.26
C ASP A 132 0.70 19.95 3.12
N LEU A 133 1.69 19.11 3.36
CA LEU A 133 2.15 18.26 2.30
C LEU A 133 1.14 17.21 1.92
N VAL A 134 0.31 16.81 2.87
CA VAL A 134 -0.66 15.75 2.64
C VAL A 134 -1.64 16.15 1.55
N LYS A 135 -2.33 17.26 1.79
CA LYS A 135 -3.40 17.67 0.90
C LYS A 135 -2.84 18.00 -0.46
N ASN A 136 -1.70 18.69 -0.47
CA ASN A 136 -1.17 19.31 -1.69
C ASN A 136 -0.16 18.50 -2.49
N PHE A 137 0.27 17.35 -1.98
CA PHE A 137 1.26 16.58 -2.70
C PHE A 137 1.06 15.08 -2.58
N SER A 138 1.10 14.62 -1.35
CA SER A 138 1.09 13.22 -1.04
C SER A 138 -0.21 12.51 -1.46
N VAL A 139 -1.34 13.17 -1.24
CA VAL A 139 -2.63 12.57 -1.62
C VAL A 139 -2.83 12.63 -3.12
N PRO A 140 -2.43 13.74 -3.76
CA PRO A 140 -2.70 13.80 -5.19
C PRO A 140 -1.79 12.93 -6.10
N LEU A 141 -0.50 12.86 -5.78
CA LEU A 141 0.45 12.29 -6.72
C LEU A 141 0.06 10.86 -7.20
N PRO A 142 -0.20 9.97 -6.25
CA PRO A 142 -0.45 8.58 -6.61
C PRO A 142 -1.69 8.35 -7.43
N VAL A 143 -2.61 9.31 -7.45
CA VAL A 143 -3.81 9.14 -8.25
C VAL A 143 -3.46 9.52 -9.67
N ARG A 144 -2.92 10.72 -9.78
CA ARG A 144 -2.33 11.22 -11.00
C ARG A 144 -1.60 10.08 -11.72
N VAL A 145 -0.72 9.44 -10.98
CA VAL A 145 0.13 8.43 -11.54
C VAL A 145 -0.70 7.23 -11.94
N ILE A 146 -1.61 6.81 -11.06
CA ILE A 146 -2.47 5.69 -11.41
C ILE A 146 -3.35 6.01 -12.60
N CYS A 147 -3.77 7.27 -12.67
CA CYS A 147 -4.50 7.76 -13.80
C CYS A 147 -3.70 7.65 -15.07
N GLU A 148 -2.46 8.12 -15.02
CA GLU A 148 -1.59 8.14 -16.19
C GLU A 148 -1.39 6.73 -16.73
N LEU A 149 -1.24 5.78 -15.82
CA LEU A 149 -1.07 4.37 -16.12
C LEU A 149 -2.34 3.77 -16.72
N LEU A 150 -3.45 4.03 -16.07
CA LEU A 150 -4.72 3.48 -16.51
C LEU A 150 -5.08 3.99 -17.88
N GLY A 151 -4.94 5.29 -18.09
CA GLY A 151 -5.42 5.97 -19.29
C GLY A 151 -6.67 6.86 -19.09
N VAL A 152 -6.91 7.25 -17.85
CA VAL A 152 -7.93 8.22 -17.50
C VAL A 152 -7.70 9.55 -18.23
N PRO A 153 -6.60 10.21 -17.90
CA PRO A 153 -6.43 11.64 -18.07
C PRO A 153 -7.42 12.41 -18.97
N ALA A 154 -7.25 13.72 -18.99
CA ALA A 154 -6.49 14.51 -17.99
C ALA A 154 -7.35 15.67 -17.57
N GLY A 155 -8.26 16.05 -18.46
CA GLY A 155 -9.63 16.35 -18.04
C GLY A 155 -10.13 15.02 -17.49
N ASP A 156 -11.36 14.99 -17.02
CA ASP A 156 -11.83 13.89 -16.19
C ASP A 156 -11.12 13.85 -14.85
N GLN A 157 -9.97 14.51 -14.71
CA GLN A 157 -9.18 14.32 -13.48
C GLN A 157 -9.62 15.18 -12.30
N ASP A 158 -10.27 16.32 -12.56
CA ASP A 158 -10.83 17.11 -11.46
C ASP A 158 -12.14 16.51 -10.93
N THR A 159 -12.76 15.65 -11.72
CA THR A 159 -13.85 14.82 -11.27
C THR A 159 -13.33 13.63 -10.44
N PHE A 160 -12.54 12.79 -11.07
CA PHE A 160 -11.93 11.64 -10.42
C PHE A 160 -11.41 12.01 -9.03
N HIS A 161 -10.59 13.06 -8.98
CA HIS A 161 -10.14 13.73 -7.74
C HIS A 161 -11.15 13.66 -6.57
N ALA A 162 -12.41 13.90 -6.86
CA ALA A 162 -13.49 13.67 -5.88
C ALA A 162 -13.65 12.21 -5.47
N TRP A 163 -13.94 11.36 -6.46
CA TRP A 163 -14.23 9.94 -6.23
C TRP A 163 -13.13 9.27 -5.43
N SER A 164 -11.91 9.67 -5.74
CA SER A 164 -10.72 9.11 -5.14
C SER A 164 -10.61 9.44 -3.67
N ASN A 165 -10.91 10.69 -3.33
CA ASN A 165 -10.80 11.13 -1.94
C ASN A 165 -11.91 10.57 -1.09
N ALA A 166 -13.09 10.45 -1.69
CA ALA A 166 -14.19 9.71 -1.09
C ALA A 166 -13.71 8.36 -0.55
N LEU A 167 -12.91 7.64 -1.34
CA LEU A 167 -12.37 6.35 -0.90
C LEU A 167 -11.25 6.42 0.14
N LEU A 168 -10.57 7.56 0.26
CA LEU A 168 -9.63 7.78 1.37
C LEU A 168 -10.34 7.80 2.70
N GLY A 169 -11.64 8.05 2.65
CA GLY A 169 -12.56 7.90 3.77
C GLY A 169 -12.16 6.97 4.91
N ASP A 170 -12.61 7.37 6.10
CA ASP A 170 -12.18 6.74 7.34
C ASP A 170 -12.87 5.39 7.59
N TRP A 171 -13.07 4.62 6.52
CA TRP A 171 -13.50 3.19 6.60
C TRP A 171 -14.85 2.92 7.31
N GLN A 172 -15.22 3.78 8.24
CA GLN A 172 -16.54 3.77 8.84
C GLN A 172 -17.50 4.35 7.81
N GLN A 173 -17.04 5.39 7.11
CA GLN A 173 -17.88 6.14 6.16
C GLN A 173 -18.25 5.33 4.92
N VAL A 174 -19.06 4.28 5.13
CA VAL A 174 -19.41 3.32 4.09
C VAL A 174 -20.30 3.92 3.01
N VAL A 175 -21.32 4.67 3.41
CA VAL A 175 -22.23 5.20 2.42
C VAL A 175 -21.45 6.07 1.42
N GLU A 176 -20.58 6.96 1.91
CA GLU A 176 -19.80 7.83 1.01
C GLU A 176 -18.75 7.09 0.15
N LYS A 177 -18.21 6.00 0.66
CA LYS A 177 -17.31 5.17 -0.16
C LYS A 177 -18.10 4.41 -1.22
N GLU A 178 -19.24 3.86 -0.81
CA GLU A 178 -20.13 3.17 -1.73
C GLU A 178 -20.56 4.08 -2.91
N ALA A 179 -20.71 5.37 -2.66
CA ALA A 179 -21.06 6.31 -3.72
C ALA A 179 -19.98 6.41 -4.75
N ALA A 180 -18.80 6.88 -4.34
CA ALA A 180 -17.66 7.02 -5.25
C ALA A 180 -17.45 5.75 -6.05
N THR A 181 -17.43 4.62 -5.36
CA THR A 181 -17.31 3.32 -6.05
C THR A 181 -18.18 3.26 -7.30
N VAL A 182 -19.45 3.62 -7.14
CA VAL A 182 -20.41 3.47 -8.22
C VAL A 182 -20.10 4.41 -9.37
N SER A 183 -19.79 5.67 -9.03
CA SER A 183 -19.34 6.68 -10.02
C SER A 183 -18.19 6.14 -10.85
N LEU A 184 -17.25 5.50 -10.14
CA LEU A 184 -16.11 4.84 -10.74
C LEU A 184 -16.51 3.66 -11.63
N VAL A 185 -17.41 2.78 -11.18
CA VAL A 185 -17.79 1.64 -12.03
C VAL A 185 -18.43 2.06 -13.35
N ASN A 186 -19.18 3.15 -13.30
CA ASN A 186 -19.79 3.65 -14.51
C ASN A 186 -18.74 4.39 -15.32
N TYR A 187 -18.05 5.34 -14.68
CA TYR A 187 -16.97 6.04 -15.33
C TYR A 187 -16.06 5.09 -16.13
N PHE A 188 -15.59 4.03 -15.49
CA PHE A 188 -14.70 3.12 -16.18
C PHE A 188 -15.42 2.36 -17.26
N GLY A 189 -16.68 1.98 -17.01
CA GLY A 189 -17.51 1.38 -18.06
C GLY A 189 -17.47 2.24 -19.30
N GLU A 190 -17.65 3.54 -19.12
CA GLU A 190 -17.62 4.48 -20.23
C GLU A 190 -16.23 4.56 -20.84
N LEU A 191 -15.24 4.99 -20.05
CA LEU A 191 -13.83 5.08 -20.49
C LEU A 191 -13.38 3.92 -21.39
N ILE A 192 -13.81 2.71 -21.06
CA ILE A 192 -13.51 1.56 -21.90
C ILE A 192 -13.94 1.80 -23.35
N ALA A 193 -15.23 2.09 -23.52
CA ALA A 193 -15.79 2.36 -24.84
C ALA A 193 -14.91 3.32 -25.65
N VAL A 194 -14.57 4.45 -25.04
CA VAL A 194 -13.77 5.48 -25.74
C VAL A 194 -12.35 5.00 -26.00
N LYS A 195 -11.72 4.38 -25.00
CA LYS A 195 -10.38 3.81 -25.17
C LYS A 195 -10.35 2.77 -26.29
N ARG A 196 -11.43 2.00 -26.44
CA ARG A 196 -11.47 1.01 -27.51
C ARG A 196 -11.44 1.63 -28.91
N GLU A 197 -12.13 2.75 -29.12
CA GLU A 197 -12.16 3.36 -30.44
C GLU A 197 -11.19 4.54 -30.59
N ASN A 198 -10.31 4.69 -29.61
CA ASN A 198 -9.17 5.59 -29.74
C ASN A 198 -8.12 5.23 -28.65
N PRO A 199 -7.49 4.05 -28.79
CA PRO A 199 -6.48 3.60 -27.81
C PRO A 199 -5.25 4.49 -27.78
N ALA A 200 -4.50 4.39 -26.70
CA ALA A 200 -3.21 5.06 -26.58
C ALA A 200 -2.37 4.10 -25.75
N ASP A 201 -1.16 4.52 -25.32
CA ASP A 201 -0.33 3.63 -24.52
C ASP A 201 -0.71 3.73 -23.08
N ASP A 202 -1.58 2.84 -22.65
CA ASP A 202 -1.99 2.76 -21.25
C ASP A 202 -2.62 1.43 -20.92
N LEU A 203 -2.77 1.21 -19.62
CA LEU A 203 -3.09 -0.10 -19.12
C LEU A 203 -4.37 -0.64 -19.69
N ILE A 204 -5.39 0.19 -19.63
CA ILE A 204 -6.72 -0.17 -20.09
C ILE A 204 -6.72 -0.44 -21.58
N SER A 205 -6.15 0.47 -22.33
CA SER A 205 -6.08 0.29 -23.76
C SER A 205 -5.58 -1.12 -24.03
N GLU A 206 -4.56 -1.54 -23.30
CA GLU A 206 -3.99 -2.85 -23.52
C GLU A 206 -4.95 -3.97 -23.14
N LEU A 207 -5.61 -3.83 -22.01
CA LEU A 207 -6.43 -4.90 -21.53
C LEU A 207 -7.57 -5.17 -22.48
N ILE A 208 -8.23 -4.10 -22.90
CA ILE A 208 -9.31 -4.23 -23.86
C ILE A 208 -8.84 -5.10 -25.00
N ALA A 209 -7.75 -4.67 -25.64
CA ALA A 209 -7.19 -5.39 -26.79
C ALA A 209 -7.05 -6.87 -26.46
N ILE A 210 -6.57 -7.16 -25.26
CA ILE A 210 -6.51 -8.53 -24.81
C ILE A 210 -7.92 -9.12 -24.81
N SER A 211 -8.83 -8.41 -24.16
CA SER A 211 -10.17 -8.87 -23.92
C SER A 211 -10.96 -9.09 -25.19
N ASP A 212 -10.89 -8.12 -26.07
CA ASP A 212 -11.52 -8.26 -27.38
C ASP A 212 -10.97 -9.48 -28.08
N GLY A 213 -9.64 -9.66 -28.02
CA GLY A 213 -9.00 -10.81 -28.64
C GLY A 213 -9.53 -12.17 -28.19
N ASP A 214 -8.65 -13.17 -28.25
CA ASP A 214 -9.00 -14.54 -27.86
C ASP A 214 -8.70 -14.78 -26.38
N SER A 215 -9.52 -14.21 -25.50
CA SER A 215 -9.36 -14.36 -24.04
C SER A 215 -10.66 -14.12 -23.23
N THR A 216 -10.80 -14.87 -22.12
CA THR A 216 -11.94 -14.74 -21.22
C THR A 216 -11.98 -13.41 -20.45
N LEU A 217 -10.90 -12.62 -20.53
CA LEU A 217 -10.86 -11.32 -19.87
C LEU A 217 -12.05 -10.49 -20.33
N THR A 218 -12.91 -10.11 -19.38
CA THR A 218 -14.15 -9.39 -19.63
C THR A 218 -14.06 -7.96 -19.11
N GLU A 219 -14.94 -7.12 -19.66
CA GLU A 219 -14.99 -5.69 -19.32
C GLU A 219 -15.12 -5.49 -17.82
N ARG A 220 -15.92 -6.35 -17.18
CA ARG A 220 -16.12 -6.24 -15.76
C ARG A 220 -14.78 -6.43 -15.02
N GLU A 221 -14.05 -7.48 -15.40
CA GLU A 221 -12.76 -7.73 -14.79
C GLU A 221 -11.86 -6.54 -14.95
N ILE A 222 -11.77 -6.03 -16.17
CA ILE A 222 -11.01 -4.81 -16.38
C ILE A 222 -11.39 -3.72 -15.38
N ILE A 223 -12.69 -3.48 -15.25
CA ILE A 223 -13.15 -2.44 -14.36
C ILE A 223 -12.70 -2.74 -12.94
N ALA A 224 -13.00 -3.94 -12.46
CA ALA A 224 -12.59 -4.37 -11.12
C ALA A 224 -11.11 -4.13 -10.90
N LEU A 225 -10.32 -4.65 -11.84
CA LEU A 225 -8.87 -4.48 -11.85
C LEU A 225 -8.44 -3.04 -11.81
N SER A 226 -9.09 -2.21 -12.60
CA SER A 226 -8.73 -0.81 -12.62
C SER A 226 -8.98 -0.13 -11.26
N ILE A 227 -10.01 -0.55 -10.55
CA ILE A 227 -10.32 0.05 -9.26
C ILE A 227 -9.49 -0.58 -8.17
N GLY A 228 -9.39 -1.91 -8.21
CA GLY A 228 -8.49 -2.66 -7.34
C GLY A 228 -7.14 -1.94 -7.25
N ILE A 229 -6.69 -1.50 -8.42
CA ILE A 229 -5.42 -0.81 -8.53
C ILE A 229 -5.45 0.51 -7.81
N LEU A 230 -6.49 1.29 -8.06
CA LEU A 230 -6.64 2.57 -7.37
C LEU A 230 -6.63 2.40 -5.86
N SER A 231 -7.58 1.63 -5.34
CA SER A 231 -7.71 1.51 -3.89
C SER A 231 -6.38 1.08 -3.32
N ALA A 232 -5.86 0.01 -3.91
CA ALA A 232 -4.62 -0.62 -3.47
C ALA A 232 -3.38 0.31 -3.47
N GLY A 233 -3.28 1.18 -4.46
CA GLY A 233 -2.07 1.92 -4.64
C GLY A 233 -2.17 3.37 -4.24
N HIS A 234 -3.38 3.79 -3.88
CA HIS A 234 -3.58 5.20 -3.62
C HIS A 234 -3.23 5.52 -2.17
N GLU A 235 -3.99 4.93 -1.25
CA GLU A 235 -3.91 5.37 0.13
C GLU A 235 -2.49 5.12 0.60
N THR A 236 -2.20 3.85 0.71
CA THR A 236 -0.89 3.30 0.59
C THR A 236 0.27 4.29 0.39
N THR A 237 0.46 4.71 -0.85
CA THR A 237 1.65 5.40 -1.29
C THR A 237 1.65 6.77 -0.68
N ALA A 238 0.45 7.35 -0.73
CA ALA A 238 0.18 8.66 -0.23
C ALA A 238 0.57 8.79 1.22
N ASN A 239 0.26 7.78 2.01
CA ASN A 239 0.58 7.81 3.42
C ASN A 239 2.07 7.71 3.58
N GLN A 240 2.67 6.81 2.82
CA GLN A 240 4.05 6.52 3.02
C GLN A 240 4.90 7.72 2.75
N ILE A 241 4.65 8.38 1.64
CA ILE A 241 5.44 9.53 1.33
C ILE A 241 5.58 10.43 2.56
N SER A 242 4.45 10.80 3.14
CA SER A 242 4.46 11.74 4.25
C SER A 242 5.25 11.13 5.40
N MET A 243 4.89 9.90 5.75
CA MET A 243 5.53 9.21 6.84
C MET A 243 7.04 9.24 6.64
N PHE A 244 7.47 8.99 5.41
CA PHE A 244 8.89 8.82 5.09
C PHE A 244 9.65 10.08 5.31
N LEU A 245 9.06 11.18 4.89
CA LEU A 245 9.70 12.44 5.07
C LEU A 245 9.86 12.72 6.57
N VAL A 246 8.75 12.60 7.28
CA VAL A 246 8.81 12.66 8.72
C VAL A 246 10.02 11.84 9.22
N THR A 247 10.05 10.55 8.90
CA THR A 247 11.10 9.64 9.42
C THR A 247 12.47 10.18 9.07
N LEU A 248 12.65 10.58 7.83
CA LEU A 248 13.89 11.17 7.45
C LEU A 248 14.19 12.35 8.35
N LEU A 249 13.24 13.26 8.51
CA LEU A 249 13.56 14.47 9.26
C LEU A 249 13.88 14.15 10.71
N HIS A 250 13.29 13.08 11.23
CA HIS A 250 13.59 12.57 12.55
C HIS A 250 15.04 12.10 12.65
N ASN A 251 15.59 11.56 11.56
CA ASN A 251 16.96 11.01 11.56
C ASN A 251 17.88 11.80 10.64
N PRO A 252 18.16 13.07 10.99
CA PRO A 252 18.92 13.95 10.09
C PRO A 252 20.30 13.44 9.66
N GLU A 253 20.92 12.57 10.45
CA GLU A 253 22.24 12.05 10.09
C GLU A 253 22.12 11.01 8.99
N GLU A 254 20.94 10.39 8.89
CA GLU A 254 20.66 9.43 7.84
C GLU A 254 20.16 10.13 6.59
N LEU A 255 19.47 11.24 6.78
CA LEU A 255 19.05 12.09 5.67
C LEU A 255 20.24 12.77 4.98
N ASP A 256 21.19 13.28 5.75
CA ASP A 256 22.39 13.93 5.18
C ASP A 256 23.13 13.05 4.17
N LYS A 257 22.99 11.73 4.32
CA LYS A 257 23.54 10.78 3.36
C LYS A 257 22.88 10.85 1.99
N LEU A 258 21.62 11.30 1.96
CA LEU A 258 20.90 11.39 0.69
C LEU A 258 21.02 12.75 0.06
N ARG A 259 21.64 13.70 0.76
CA ARG A 259 21.83 15.03 0.22
C ARG A 259 22.98 15.06 -0.78
N ASP A 260 22.70 15.67 -1.94
CA ASP A 260 23.70 15.85 -2.99
C ASP A 260 24.18 14.50 -3.51
N ASN A 261 23.36 13.47 -3.39
CA ASN A 261 23.78 12.11 -3.73
C ASN A 261 22.57 11.27 -4.15
N ARG A 262 22.10 11.53 -5.35
CA ARG A 262 20.85 10.96 -5.80
C ARG A 262 20.92 9.47 -6.06
N GLU A 263 22.10 8.92 -6.27
CA GLU A 263 22.18 7.47 -6.49
C GLU A 263 21.92 6.68 -5.20
N ALA A 264 21.86 7.36 -4.07
CA ALA A 264 21.60 6.70 -2.80
C ALA A 264 20.12 6.37 -2.55
N ILE A 265 19.24 6.76 -3.47
CA ILE A 265 17.83 6.85 -3.18
C ILE A 265 17.10 5.52 -3.24
N PRO A 266 17.34 4.70 -4.28
CA PRO A 266 16.60 3.44 -4.33
C PRO A 266 16.75 2.61 -3.08
N LYS A 267 17.97 2.59 -2.54
CA LYS A 267 18.23 1.89 -1.29
C LYS A 267 17.47 2.52 -0.14
N ALA A 268 17.57 3.85 -0.03
CA ALA A 268 16.86 4.59 1.02
C ALA A 268 15.36 4.28 1.09
N VAL A 269 14.75 4.16 -0.07
CA VAL A 269 13.32 3.92 -0.21
C VAL A 269 12.99 2.54 0.35
N ASP A 270 13.75 1.54 -0.07
CA ASP A 270 13.53 0.19 0.45
C ASP A 270 13.79 0.08 1.98
N GLU A 271 14.68 0.91 2.51
CA GLU A 271 14.91 0.92 3.96
C GLU A 271 13.71 1.48 4.71
N LEU A 272 13.04 2.47 4.13
CA LEU A 272 11.89 3.06 4.78
C LEU A 272 10.68 2.16 4.62
N LEU A 273 10.52 1.59 3.44
CA LEU A 273 9.51 0.57 3.23
C LEU A 273 9.57 -0.49 4.32
N ARG A 274 10.79 -0.93 4.62
CA ARG A 274 11.04 -1.86 5.73
C ARG A 274 10.65 -1.24 7.09
N PHE A 275 11.23 -0.09 7.39
CA PHE A 275 11.24 0.46 8.74
C PHE A 275 9.98 1.20 9.10
N VAL A 276 9.20 1.60 8.08
CA VAL A 276 8.03 2.47 8.28
C VAL A 276 6.76 1.83 7.71
N PRO A 277 6.08 0.98 8.51
CA PRO A 277 5.05 0.08 7.98
C PRO A 277 3.68 0.70 7.87
N LEU A 278 2.83 0.05 7.06
CA LEU A 278 1.45 0.49 6.84
C LEU A 278 0.66 0.24 8.11
N THR A 279 0.67 -1.02 8.52
CA THR A 279 0.00 -1.45 9.74
C THR A 279 0.93 -2.44 10.42
N THR A 280 0.44 -3.09 11.46
CA THR A 280 1.13 -4.19 12.09
C THR A 280 1.34 -5.29 11.07
N THR A 281 0.28 -5.58 10.31
CA THR A 281 0.33 -6.58 9.26
C THR A 281 0.83 -6.02 7.94
N GLY A 282 1.33 -4.78 7.94
CA GLY A 282 1.83 -4.16 6.73
C GLY A 282 0.78 -4.06 5.64
N GLY A 283 -0.46 -3.82 6.05
CA GLY A 283 -1.60 -3.76 5.14
C GLY A 283 -2.11 -5.09 4.62
N ILE A 284 -1.62 -6.19 5.17
CA ILE A 284 -2.00 -7.51 4.69
C ILE A 284 -3.24 -8.02 5.41
N ILE A 285 -4.25 -8.37 4.62
CA ILE A 285 -5.46 -8.94 5.18
C ILE A 285 -5.07 -10.26 5.82
N PRO A 286 -5.58 -10.53 7.04
CA PRO A 286 -5.43 -11.77 7.76
C PRO A 286 -5.68 -13.00 6.91
N ARG A 287 -4.76 -13.96 6.99
CA ARG A 287 -4.96 -15.22 6.30
C ARG A 287 -5.65 -16.15 7.27
N LEU A 288 -6.53 -16.97 6.75
CA LEU A 288 -7.04 -18.07 7.54
C LEU A 288 -6.56 -19.39 6.92
N THR A 289 -6.14 -20.32 7.79
CA THR A 289 -5.56 -21.61 7.40
C THR A 289 -6.58 -22.60 6.79
N THR A 290 -6.22 -23.21 5.65
CA THR A 290 -7.08 -24.22 5.00
C THR A 290 -6.83 -25.58 5.63
N ALA A 291 -5.69 -25.70 6.30
CA ALA A 291 -5.31 -26.90 7.04
C ALA A 291 -4.28 -26.57 8.13
N GLU A 292 -3.86 -27.58 8.88
CA GLU A 292 -2.97 -27.41 10.01
C GLU A 292 -1.54 -27.17 9.53
N VAL A 293 -0.75 -26.34 10.25
CA VAL A 293 0.60 -25.92 9.77
C VAL A 293 1.72 -25.85 10.83
N GLU A 294 2.87 -26.46 10.50
CA GLU A 294 4.05 -26.53 11.36
C GLU A 294 4.91 -25.32 11.05
N LEU A 295 5.48 -24.69 12.07
CA LEU A 295 6.30 -23.50 11.86
C LEU A 295 7.80 -23.68 12.14
N SER A 296 8.54 -22.64 11.79
CA SER A 296 9.95 -22.50 12.13
C SER A 296 10.21 -22.81 13.60
N GLY A 297 9.53 -22.10 14.50
CA GLY A 297 9.75 -22.29 15.92
C GLY A 297 9.15 -23.55 16.55
N GLY A 298 8.57 -24.44 15.73
CA GLY A 298 7.94 -25.66 16.24
C GLY A 298 6.43 -25.59 16.48
N GLN A 299 5.85 -24.40 16.65
CA GLN A 299 4.42 -24.28 17.00
C GLN A 299 3.53 -24.70 15.85
N VAL A 300 2.33 -25.15 16.17
CA VAL A 300 1.42 -25.60 15.13
C VAL A 300 0.13 -24.80 15.13
N LEU A 301 -0.21 -24.32 13.95
CA LEU A 301 -1.38 -23.55 13.77
C LEU A 301 -2.44 -24.51 13.29
N PRO A 302 -3.58 -24.52 13.97
CA PRO A 302 -4.73 -25.36 13.66
C PRO A 302 -5.43 -24.96 12.38
N ALA A 303 -6.19 -25.88 11.79
CA ALA A 303 -7.02 -25.60 10.62
C ALA A 303 -8.20 -24.67 10.97
N GLY A 304 -8.68 -23.90 9.99
CA GLY A 304 -9.85 -23.02 10.15
C GLY A 304 -9.64 -21.83 11.07
N ALA A 305 -8.42 -21.30 11.07
CA ALA A 305 -8.03 -20.29 12.04
C ALA A 305 -7.43 -19.01 11.40
N VAL A 306 -7.77 -17.86 11.97
CA VAL A 306 -7.25 -16.58 11.51
C VAL A 306 -5.81 -16.36 11.93
N VAL A 307 -5.01 -15.80 11.03
CA VAL A 307 -3.60 -15.58 11.28
C VAL A 307 -3.15 -14.21 10.79
N LEU A 308 -2.40 -13.56 11.66
CA LEU A 308 -1.91 -12.21 11.46
C LEU A 308 -0.43 -12.22 11.17
N PRO A 309 -0.05 -12.10 9.90
CA PRO A 309 1.36 -11.85 9.63
C PRO A 309 1.71 -10.47 10.11
N ALA A 310 2.60 -10.36 11.07
CA ALA A 310 2.92 -9.07 11.64
C ALA A 310 4.21 -8.58 11.01
N VAL A 311 4.05 -8.15 9.77
CA VAL A 311 5.11 -7.62 8.94
C VAL A 311 5.88 -6.50 9.61
N ALA A 312 5.17 -5.63 10.32
CA ALA A 312 5.81 -4.46 10.93
C ALA A 312 7.03 -4.83 11.75
N THR A 313 6.95 -5.97 12.44
CA THR A 313 8.07 -6.39 13.26
C THR A 313 8.97 -7.44 12.60
N ALA A 314 8.39 -8.32 11.79
CA ALA A 314 9.18 -9.23 10.94
C ALA A 314 10.27 -8.52 10.08
N ASN A 315 10.03 -7.25 9.74
CA ASN A 315 11.00 -6.42 8.98
C ASN A 315 12.10 -5.79 9.88
N ARG A 316 12.06 -6.11 11.17
CA ARG A 316 13.11 -5.72 12.11
C ARG A 316 13.77 -6.92 12.82
N ASP A 317 13.29 -8.13 12.52
CA ASP A 317 13.84 -9.42 13.00
C ASP A 317 15.38 -9.46 12.95
N PRO A 318 16.07 -9.52 14.13
CA PRO A 318 17.55 -9.47 14.13
C PRO A 318 18.27 -10.71 13.57
N GLU A 319 17.54 -11.83 13.45
CA GLU A 319 18.03 -12.97 12.68
C GLU A 319 18.30 -12.55 11.25
N VAL A 320 17.44 -11.70 10.70
CA VAL A 320 17.55 -11.28 9.29
C VAL A 320 18.29 -9.97 9.10
N PHE A 321 17.87 -8.94 9.80
CA PHE A 321 18.38 -7.61 9.53
C PHE A 321 19.24 -7.25 10.69
N GLU A 322 20.51 -7.07 10.42
CA GLU A 322 21.43 -6.72 11.47
C GLU A 322 21.10 -5.26 11.88
N ASP A 323 20.99 -5.01 13.17
CA ASP A 323 20.60 -3.69 13.68
C ASP A 323 19.19 -3.23 13.25
N GLY A 324 18.26 -4.17 13.29
CA GLY A 324 16.90 -3.98 12.74
C GLY A 324 15.97 -2.89 13.25
N GLU A 325 16.10 -2.47 14.51
CA GLU A 325 15.20 -1.47 15.09
C GLU A 325 15.72 -0.02 14.98
N ARG A 326 16.62 0.17 14.02
CA ARG A 326 17.16 1.48 13.76
C ARG A 326 17.26 1.69 12.25
N LEU A 327 17.08 2.93 11.83
CA LEU A 327 17.05 3.26 10.41
C LEU A 327 18.45 3.41 9.83
N ASN A 328 18.83 2.49 8.96
CA ASN A 328 20.07 2.64 8.19
C ASN A 328 19.73 2.73 6.70
N VAL A 329 19.77 3.94 6.14
CA VAL A 329 19.38 4.15 4.73
C VAL A 329 20.44 3.67 3.74
N THR A 330 21.62 3.30 4.24
CA THR A 330 22.69 2.68 3.43
C THR A 330 22.53 1.18 3.34
N ARG A 331 21.56 0.61 4.06
CA ARG A 331 21.41 -0.83 4.14
C ARG A 331 21.39 -1.49 2.76
N GLU A 332 22.34 -2.37 2.53
CA GLU A 332 22.44 -3.12 1.31
C GLU A 332 21.69 -4.48 1.42
N ASN A 333 21.81 -5.15 2.55
CA ASN A 333 21.06 -6.38 2.78
C ASN A 333 19.72 -6.10 3.45
N ASN A 334 18.65 -6.17 2.68
CA ASN A 334 17.35 -5.77 3.21
C ASN A 334 16.20 -6.44 2.48
N PRO A 335 15.99 -7.76 2.70
CA PRO A 335 14.92 -8.50 2.05
C PRO A 335 13.62 -8.35 2.80
N HIS A 336 13.06 -7.14 2.76
CA HIS A 336 11.88 -6.79 3.55
C HIS A 336 10.60 -7.30 2.92
N LEU A 337 9.59 -7.46 3.76
CA LEU A 337 8.31 -7.97 3.33
C LEU A 337 7.22 -6.91 3.14
N ALA A 338 7.57 -5.62 3.23
CA ALA A 338 6.66 -4.51 2.89
C ALA A 338 5.70 -4.76 1.69
N PHE A 339 6.17 -5.39 0.61
CA PHE A 339 5.30 -5.78 -0.52
C PHE A 339 4.87 -7.23 -0.43
N GLY A 340 4.96 -7.78 0.77
CA GLY A 340 4.48 -9.13 1.03
C GLY A 340 5.41 -10.16 0.43
N ALA A 341 4.80 -11.28 0.04
CA ALA A 341 5.45 -12.41 -0.59
C ALA A 341 4.40 -13.40 -1.13
N GLY A 342 4.85 -14.51 -1.71
CA GLY A 342 3.94 -15.50 -2.27
C GLY A 342 3.19 -14.96 -3.46
N ILE A 343 2.12 -15.62 -3.87
CA ILE A 343 1.42 -15.20 -5.10
C ILE A 343 0.74 -13.84 -4.99
N HIS A 344 0.52 -13.36 -3.76
CA HIS A 344 -0.17 -12.07 -3.56
C HIS A 344 0.81 -10.88 -3.52
N HIS A 345 2.06 -11.11 -3.88
CA HIS A 345 3.09 -10.07 -3.84
C HIS A 345 2.74 -8.83 -4.67
N CYS A 346 2.85 -7.65 -4.05
CA CYS A 346 2.35 -6.41 -4.63
C CYS A 346 2.60 -6.32 -6.12
N LEU A 347 1.51 -6.16 -6.86
CA LEU A 347 1.57 -5.99 -8.28
C LEU A 347 2.26 -4.69 -8.62
N GLY A 348 2.24 -3.73 -7.71
CA GLY A 348 2.74 -2.39 -7.99
C GLY A 348 4.03 -2.13 -7.27
N ALA A 349 4.69 -3.22 -6.89
CA ALA A 349 5.89 -3.13 -6.09
C ALA A 349 6.93 -2.22 -6.72
N GLN A 350 7.17 -2.39 -8.01
CA GLN A 350 8.14 -1.56 -8.72
C GLN A 350 7.60 -0.14 -8.90
N LEU A 351 6.32 -0.05 -9.22
CA LEU A 351 5.75 1.25 -9.47
C LEU A 351 5.89 2.11 -8.22
N ALA A 352 5.46 1.54 -7.09
CA ALA A 352 5.57 2.17 -5.78
C ALA A 352 6.94 2.75 -5.53
N ARG A 353 7.92 1.89 -5.75
CA ARG A 353 9.33 2.24 -5.62
C ARG A 353 9.73 3.41 -6.48
N ILE A 354 9.32 3.39 -7.73
CA ILE A 354 9.60 4.50 -8.63
C ILE A 354 8.98 5.79 -8.09
N GLU A 355 7.72 5.71 -7.69
CA GLU A 355 7.03 6.91 -7.26
C GLU A 355 7.77 7.54 -6.10
N LEU A 356 8.06 6.69 -5.12
CA LEU A 356 8.71 7.09 -3.88
C LEU A 356 10.09 7.64 -4.14
N GLN A 357 10.81 6.98 -5.02
CA GLN A 357 12.11 7.47 -5.41
C GLN A 357 11.99 8.87 -5.97
N GLU A 358 11.12 9.00 -6.94
CA GLU A 358 11.03 10.22 -7.69
C GLU A 358 10.59 11.36 -6.78
N ALA A 359 9.71 11.01 -5.85
CA ALA A 359 9.16 11.97 -4.91
C ALA A 359 10.24 12.52 -3.98
N LEU A 360 10.97 11.64 -3.31
CA LEU A 360 12.04 12.08 -2.42
C LEU A 360 13.06 12.91 -3.14
N GLY A 361 13.59 12.35 -4.22
CA GLY A 361 14.60 13.02 -5.02
C GLY A 361 14.22 14.45 -5.24
N ALA A 362 13.00 14.64 -5.73
CA ALA A 362 12.54 15.94 -6.18
C ALA A 362 12.43 16.90 -5.01
N ILE A 363 12.01 16.37 -3.86
CA ILE A 363 11.82 17.19 -2.69
C ILE A 363 13.19 17.59 -2.20
N LEU A 364 14.00 16.60 -1.91
CA LEU A 364 15.36 16.87 -1.52
C LEU A 364 16.03 17.88 -2.47
N ASP A 365 15.87 17.63 -3.76
CA ASP A 365 16.59 18.35 -4.76
C ASP A 365 16.09 19.80 -4.85
N ARG A 366 14.77 19.99 -4.87
CA ARG A 366 14.19 21.35 -4.97
C ARG A 366 13.88 22.09 -3.65
N MET A 367 13.84 21.36 -2.54
CA MET A 367 13.46 21.97 -1.26
C MET A 367 14.32 21.28 -0.21
N PRO A 368 15.63 21.54 -0.26
CA PRO A 368 16.55 20.78 0.57
C PRO A 368 16.58 21.25 2.04
N GLN A 369 16.29 22.53 2.29
CA GLN A 369 16.29 23.00 3.66
C GLN A 369 14.91 22.77 4.31
N VAL A 370 14.14 21.86 3.72
CA VAL A 370 12.82 21.47 4.22
C VAL A 370 12.83 20.98 5.67
N ARG A 371 12.20 21.77 6.53
CA ARG A 371 11.97 21.40 7.92
C ARG A 371 10.47 21.26 8.16
N LEU A 372 10.10 20.52 9.20
CA LEU A 372 8.72 20.53 9.69
C LEU A 372 8.42 21.90 10.22
N ALA A 373 7.27 22.44 9.85
CA ALA A 373 6.80 23.69 10.44
C ALA A 373 6.45 23.42 11.89
N VAL A 374 7.20 22.48 12.47
CA VAL A 374 7.17 22.13 13.88
C VAL A 374 5.81 21.52 14.28
N PRO A 375 5.81 20.71 15.36
CA PRO A 375 6.91 19.89 15.82
C PRO A 375 6.49 18.43 16.02
N GLU A 376 7.49 17.55 15.98
CA GLU A 376 7.32 16.12 16.19
C GLU A 376 6.11 15.79 17.11
N SER A 377 6.06 16.50 18.25
CA SER A 377 5.04 16.35 19.28
C SER A 377 3.62 16.47 18.74
N GLU A 378 3.41 17.43 17.86
CA GLU A 378 2.06 17.77 17.52
C GLU A 378 1.47 16.94 16.39
N LEU A 379 2.14 15.88 15.95
CA LEU A 379 1.82 15.38 14.60
C LEU A 379 0.49 14.65 14.40
N ARG A 380 0.20 13.63 15.18
CA ARG A 380 -1.11 12.99 15.08
C ARG A 380 -1.35 12.16 13.82
N LEU A 381 -1.62 10.87 13.99
CA LEU A 381 -2.13 10.02 12.89
C LEU A 381 -3.64 10.12 12.79
N LYS A 382 -4.18 9.57 11.71
CA LYS A 382 -5.62 9.56 11.46
C LYS A 382 -6.32 8.51 12.32
N SER A 383 -7.41 8.88 13.00
CA SER A 383 -8.13 8.01 13.96
C SER A 383 -8.62 6.71 13.32
N ALA A 384 -9.53 6.85 12.38
CA ALA A 384 -9.68 5.89 11.30
C ALA A 384 -9.25 6.81 10.18
N SER A 385 -8.56 6.33 9.13
CA SER A 385 -8.64 4.97 8.60
C SER A 385 -7.54 4.01 9.08
N ILE A 386 -7.52 2.83 8.47
CA ILE A 386 -6.71 1.68 8.91
C ILE A 386 -5.21 1.91 8.78
N ILE A 387 -4.80 2.40 7.61
CA ILE A 387 -3.38 2.61 7.33
C ILE A 387 -2.77 3.67 8.26
N ARG A 388 -1.51 3.47 8.67
CA ARG A 388 -0.81 4.50 9.44
C ARG A 388 -0.56 5.71 8.52
N GLY A 389 -1.42 6.73 8.69
CA GLY A 389 -1.33 7.95 7.92
C GLY A 389 -1.42 9.20 8.77
N LEU A 390 -0.70 10.24 8.39
CA LEU A 390 -0.77 11.52 9.08
C LEU A 390 -1.94 12.33 8.60
N GLU A 391 -2.54 13.05 9.53
CA GLU A 391 -3.71 13.88 9.23
C GLU A 391 -3.23 14.99 8.28
N SER A 392 -2.11 15.58 8.65
CA SER A 392 -1.51 16.64 7.86
C SER A 392 -0.01 16.73 8.13
N LEU A 393 0.70 17.45 7.27
CA LEU A 393 2.14 17.55 7.40
C LEU A 393 2.56 18.93 6.95
N PRO A 394 2.45 19.90 7.87
CA PRO A 394 2.87 21.24 7.57
C PRO A 394 4.36 21.31 7.53
N ILE A 395 4.87 21.87 6.43
CA ILE A 395 6.30 21.97 6.21
C ILE A 395 6.64 23.32 5.63
N THR A 396 7.88 23.71 5.85
CA THR A 396 8.37 24.98 5.40
C THR A 396 9.77 24.69 4.96
N TRP A 397 10.32 25.59 4.15
CA TRP A 397 11.62 25.37 3.57
C TRP A 397 12.10 26.70 3.00
#